data_1P3R
#
_entry.id   1P3R
#
_cell.length_a   128.15
_cell.length_b   128.15
_cell.length_c   272.3
_cell.angle_alpha   90
_cell.angle_beta   90
_cell.angle_gamma   120
#
_symmetry.space_group_name_H-M   'H 3 2'
#
loop_
_entity.id
_entity.type
_entity.pdbx_description
1 polymer 'Disabled homolog 2'
2 water water
#
_entity_poly.entity_id   1
_entity_poly.type   'polypeptide(L)'
_entity_poly.pdbx_seq_one_letter_code
;MEKTDEYLLARFKGDGVKYKAKLIGIDDVPDARGDKMSQDSMMKLKGMAAAGRSQGQHKQRIWVNISLSGIKIIDEKTGV
IEHEHPVNKISFIARDVTDNRAFGYVCGGEGQHQFFAIKTGQQAEPLVVDLKDLFQVIYNVKKKEEDKKKVEEANKAEEN
;
_entity_poly.pdbx_strand_id   A,B,C
#
# COMPACT_ATOMS: atom_id res chain seq x y z
N MET A 1 33.80 -2.44 21.11
CA MET A 1 34.83 -2.23 20.03
C MET A 1 34.15 -2.15 18.66
N GLU A 2 34.96 -2.24 17.61
CA GLU A 2 34.43 -2.19 16.24
C GLU A 2 34.55 -3.57 15.58
N LYS A 3 33.64 -3.84 14.65
CA LYS A 3 33.62 -5.11 13.93
C LYS A 3 34.56 -5.08 12.73
N THR A 4 35.66 -5.81 12.87
CA THR A 4 36.73 -5.89 11.87
C THR A 4 36.48 -7.03 10.89
N ASP A 5 37.01 -6.91 9.67
CA ASP A 5 36.83 -7.95 8.66
C ASP A 5 37.20 -9.29 9.28
N GLU A 6 38.15 -9.28 10.20
CA GLU A 6 38.60 -10.50 10.85
C GLU A 6 37.53 -11.04 11.79
N TYR A 7 36.90 -10.14 12.53
CA TYR A 7 35.83 -10.52 13.46
C TYR A 7 34.64 -11.12 12.72
N LEU A 8 34.15 -10.39 11.72
CA LEU A 8 33.01 -10.84 10.93
C LEU A 8 33.28 -12.18 10.27
N LEU A 9 34.49 -12.36 9.74
CA LEU A 9 34.86 -13.62 9.09
C LEU A 9 34.72 -14.80 10.03
N ALA A 10 35.13 -14.62 11.28
CA ALA A 10 35.06 -15.67 12.28
C ALA A 10 33.61 -15.93 12.69
N ARG A 11 32.81 -14.87 12.69
CA ARG A 11 31.41 -14.96 13.07
C ARG A 11 30.60 -15.77 12.07
N PHE A 12 30.76 -15.45 10.79
CA PHE A 12 30.01 -16.12 9.74
C PHE A 12 30.66 -17.33 9.08
N LYS A 13 31.83 -17.71 9.56
CA LYS A 13 32.54 -18.87 9.01
C LYS A 13 31.87 -20.16 9.48
N GLY A 14 31.87 -21.19 8.63
CA GLY A 14 31.27 -22.45 9.01
C GLY A 14 29.76 -22.43 9.17
N ASP A 15 29.29 -22.80 10.36
CA ASP A 15 27.87 -22.83 10.65
C ASP A 15 27.34 -21.42 10.98
N GLY A 16 28.23 -20.44 10.96
CA GLY A 16 27.84 -19.07 11.25
C GLY A 16 26.96 -18.90 12.49
N VAL A 17 25.98 -18.02 12.41
CA VAL A 17 25.07 -17.75 13.51
C VAL A 17 23.68 -18.32 13.26
N LYS A 18 22.92 -18.50 14.33
CA LYS A 18 21.60 -19.11 14.24
C LYS A 18 20.55 -18.36 15.08
N TYR A 19 19.36 -18.15 14.51
CA TYR A 19 18.27 -17.45 15.21
C TYR A 19 16.96 -18.21 15.16
N LYS A 20 16.23 -18.24 16.27
CA LYS A 20 14.94 -18.92 16.33
C LYS A 20 13.87 -18.01 15.72
N ALA A 21 13.01 -18.56 14.87
CA ALA A 21 11.96 -17.74 14.26
C ALA A 21 10.79 -18.56 13.71
N LYS A 22 9.92 -17.89 12.97
CA LYS A 22 8.77 -18.52 12.33
C LYS A 22 8.66 -18.01 10.90
N LEU A 23 8.27 -18.89 9.98
CA LEU A 23 8.14 -18.47 8.59
C LEU A 23 6.73 -17.92 8.37
N ILE A 24 6.62 -16.61 8.18
CA ILE A 24 5.30 -15.99 7.97
C ILE A 24 4.74 -16.43 6.63
N GLY A 25 5.60 -16.48 5.61
CA GLY A 25 5.17 -16.87 4.29
C GLY A 25 6.13 -16.53 3.16
N ILE A 26 5.76 -16.95 1.96
CA ILE A 26 6.57 -16.71 0.76
C ILE A 26 5.66 -16.11 -0.30
N ASP A 27 6.16 -15.13 -1.03
CA ASP A 27 5.36 -14.47 -2.04
C ASP A 27 6.19 -14.09 -3.26
N ASP A 28 5.67 -14.41 -4.45
CA ASP A 28 6.38 -14.06 -5.68
C ASP A 28 6.22 -12.55 -5.87
N VAL A 29 7.31 -11.87 -6.18
CA VAL A 29 7.26 -10.44 -6.41
C VAL A 29 7.85 -10.09 -7.76
N PRO A 30 7.39 -8.99 -8.38
CA PRO A 30 7.84 -8.53 -9.69
C PRO A 30 9.27 -8.01 -9.81
N ASP A 31 9.81 -7.44 -8.74
CA ASP A 31 11.17 -6.89 -8.82
C ASP A 31 12.13 -7.39 -7.74
N ALA A 32 13.40 -7.03 -7.92
CA ALA A 32 14.45 -7.43 -7.01
C ALA A 32 14.60 -6.55 -5.77
N ARG A 33 14.03 -5.34 -5.82
CA ARG A 33 14.11 -4.41 -4.70
C ARG A 33 12.85 -3.56 -4.57
N GLY A 34 12.71 -2.87 -3.44
CA GLY A 34 11.55 -2.03 -3.25
C GLY A 34 10.96 -2.00 -1.85
N ASP A 35 10.86 -0.80 -1.28
CA ASP A 35 10.28 -0.61 0.04
C ASP A 35 8.79 -0.87 0.00
N LYS A 36 8.11 -0.24 -0.95
CA LYS A 36 6.67 -0.36 -1.13
C LYS A 36 6.29 -1.79 -1.51
N MET A 37 7.03 -2.35 -2.45
CA MET A 37 6.80 -3.71 -2.92
C MET A 37 6.94 -4.71 -1.77
N SER A 38 7.98 -4.52 -0.96
CA SER A 38 8.21 -5.40 0.17
C SER A 38 7.12 -5.27 1.23
N GLN A 39 6.68 -4.04 1.48
CA GLN A 39 5.63 -3.79 2.46
C GLN A 39 4.32 -4.47 2.05
N ASP A 40 3.94 -4.31 0.77
CA ASP A 40 2.72 -4.92 0.26
C ASP A 40 2.72 -6.44 0.48
N SER A 41 3.86 -7.09 0.19
CA SER A 41 3.97 -8.53 0.39
C SER A 41 3.85 -8.90 1.85
N MET A 42 4.60 -8.19 2.69
CA MET A 42 4.57 -8.45 4.13
C MET A 42 3.17 -8.29 4.70
N MET A 43 2.45 -7.25 4.29
CA MET A 43 1.10 -7.02 4.81
C MET A 43 0.13 -8.11 4.34
N LYS A 44 0.24 -8.53 3.08
CA LYS A 44 -0.61 -9.58 2.55
C LYS A 44 -0.32 -10.92 3.25
N LEU A 45 0.96 -11.25 3.42
CA LEU A 45 1.33 -12.50 4.08
C LEU A 45 0.90 -12.53 5.54
N LYS A 46 0.99 -11.39 6.22
CA LYS A 46 0.55 -11.33 7.61
C LYS A 46 -0.96 -11.47 7.66
N GLY A 47 -1.64 -10.93 6.64
CA GLY A 47 -3.09 -11.06 6.60
C GLY A 47 -3.47 -12.53 6.49
N MET A 48 -2.76 -13.24 5.61
CA MET A 48 -2.99 -14.67 5.40
C MET A 48 -2.66 -15.50 6.63
N ALA A 49 -1.55 -15.19 7.28
CA ALA A 49 -1.15 -15.93 8.48
C ALA A 49 -2.19 -15.74 9.58
N ALA A 50 -2.81 -14.56 9.64
CA ALA A 50 -3.82 -14.27 10.65
C ALA A 50 -5.11 -15.04 10.38
N ALA A 51 -5.48 -15.14 9.10
CA ALA A 51 -6.67 -15.89 8.73
C ALA A 51 -6.47 -17.34 9.17
N GLY A 52 -5.25 -17.84 9.02
CA GLY A 52 -4.96 -19.20 9.43
C GLY A 52 -4.99 -19.40 10.93
N ARG A 53 -4.40 -18.45 11.66
CA ARG A 53 -4.36 -18.56 13.11
C ARG A 53 -5.76 -18.60 13.73
N SER A 54 -6.71 -17.92 13.09
CA SER A 54 -8.08 -17.91 13.62
C SER A 54 -8.74 -19.27 13.44
N GLN A 55 -8.10 -20.15 12.68
CA GLN A 55 -8.62 -21.51 12.45
C GLN A 55 -7.68 -22.54 13.06
N GLY A 56 -6.86 -22.12 14.02
CA GLY A 56 -5.94 -23.05 14.66
C GLY A 56 -4.66 -23.38 13.94
N GLN A 57 -4.38 -22.73 12.81
CA GLN A 57 -3.14 -23.00 12.07
C GLN A 57 -2.06 -21.99 12.44
N HIS A 58 -0.87 -22.47 12.77
CA HIS A 58 0.23 -21.60 13.18
C HIS A 58 1.38 -21.66 12.18
N LYS A 59 2.20 -20.60 12.16
CA LYS A 59 3.35 -20.53 11.26
C LYS A 59 4.35 -21.60 11.65
N GLN A 60 5.13 -22.05 10.66
CA GLN A 60 6.15 -23.08 10.89
C GLN A 60 7.33 -22.53 11.67
N ARG A 61 7.71 -23.22 12.75
CA ARG A 61 8.84 -22.83 13.58
C ARG A 61 10.12 -23.20 12.85
N ILE A 62 11.06 -22.28 12.78
CA ILE A 62 12.30 -22.51 12.04
C ILE A 62 13.52 -21.90 12.72
N TRP A 63 14.68 -22.16 12.10
CA TRP A 63 15.95 -21.59 12.53
C TRP A 63 16.39 -20.80 11.31
N VAL A 64 16.87 -19.58 11.53
CA VAL A 64 17.37 -18.80 10.41
C VAL A 64 18.86 -18.84 10.65
N ASN A 65 19.57 -19.53 9.76
CA ASN A 65 21.01 -19.69 9.87
C ASN A 65 21.69 -18.73 8.90
N ILE A 66 22.60 -17.91 9.43
CA ILE A 66 23.33 -16.92 8.63
C ILE A 66 24.81 -17.23 8.66
N SER A 67 25.42 -17.34 7.47
CA SER A 67 26.85 -17.63 7.37
C SER A 67 27.36 -17.20 6.00
N LEU A 68 28.61 -17.54 5.70
CA LEU A 68 29.22 -17.19 4.42
C LEU A 68 28.49 -17.89 3.28
N SER A 69 27.77 -18.95 3.61
CA SER A 69 27.01 -19.71 2.63
C SER A 69 25.71 -18.96 2.26
N GLY A 70 25.39 -17.95 3.06
CA GLY A 70 24.16 -17.20 2.83
C GLY A 70 23.14 -17.52 3.91
N ILE A 71 21.88 -17.70 3.53
CA ILE A 71 20.84 -17.98 4.52
C ILE A 71 20.23 -19.38 4.34
N LYS A 72 20.04 -20.06 5.46
CA LYS A 72 19.42 -21.39 5.46
C LYS A 72 18.17 -21.32 6.34
N ILE A 73 17.03 -21.79 5.83
CA ILE A 73 15.80 -21.84 6.61
C ILE A 73 15.68 -23.31 7.01
N ILE A 74 15.74 -23.59 8.31
CA ILE A 74 15.68 -24.95 8.78
C ILE A 74 14.46 -25.22 9.65
N ASP A 75 13.82 -26.38 9.46
CA ASP A 75 12.66 -26.74 10.26
C ASP A 75 13.18 -27.04 11.66
N GLU A 76 12.59 -26.41 12.66
CA GLU A 76 13.03 -26.64 14.03
C GLU A 76 12.74 -28.05 14.54
N LYS A 77 11.64 -28.63 14.11
CA LYS A 77 11.26 -29.97 14.56
C LYS A 77 12.10 -31.10 13.94
N THR A 78 12.28 -31.09 12.63
CA THR A 78 13.03 -32.14 11.94
C THR A 78 14.50 -31.88 11.67
N GLY A 79 14.88 -30.61 11.54
CA GLY A 79 16.28 -30.32 11.25
C GLY A 79 16.51 -30.33 9.74
N VAL A 80 15.44 -30.49 8.97
CA VAL A 80 15.51 -30.51 7.51
C VAL A 80 15.79 -29.10 6.98
N ILE A 81 16.70 -28.98 6.02
CA ILE A 81 16.98 -27.68 5.43
C ILE A 81 15.89 -27.44 4.39
N GLU A 82 14.98 -26.52 4.71
CA GLU A 82 13.84 -26.18 3.87
C GLU A 82 14.23 -25.31 2.66
N HIS A 83 15.09 -24.32 2.88
CA HIS A 83 15.52 -23.43 1.82
C HIS A 83 16.97 -23.03 2.06
N GLU A 84 17.71 -22.78 0.98
CA GLU A 84 19.08 -22.31 1.10
C GLU A 84 19.26 -21.24 0.05
N HIS A 85 19.59 -20.03 0.50
CA HIS A 85 19.74 -18.90 -0.42
C HIS A 85 21.16 -18.34 -0.38
N PRO A 86 21.93 -18.54 -1.45
CA PRO A 86 23.30 -18.05 -1.57
C PRO A 86 23.31 -16.52 -1.45
N VAL A 87 24.36 -15.97 -0.85
CA VAL A 87 24.46 -14.53 -0.70
C VAL A 87 24.29 -13.77 -2.01
N ASN A 88 24.85 -14.31 -3.09
CA ASN A 88 24.75 -13.65 -4.39
C ASN A 88 23.37 -13.73 -5.03
N LYS A 89 22.43 -14.39 -4.35
CA LYS A 89 21.06 -14.53 -4.85
C LYS A 89 20.08 -13.70 -4.03
N ILE A 90 20.56 -13.07 -2.96
CA ILE A 90 19.71 -12.23 -2.10
C ILE A 90 19.87 -10.78 -2.56
N SER A 91 18.80 -10.23 -3.14
CA SER A 91 18.84 -8.88 -3.68
C SER A 91 18.34 -7.72 -2.81
N PHE A 92 17.58 -8.02 -1.76
CA PHE A 92 17.07 -6.93 -0.94
C PHE A 92 16.71 -7.38 0.46
N ILE A 93 17.11 -6.59 1.44
CA ILE A 93 16.79 -6.87 2.84
C ILE A 93 15.77 -5.82 3.23
N ALA A 94 14.59 -6.27 3.66
CA ALA A 94 13.51 -5.36 4.03
C ALA A 94 13.15 -5.34 5.50
N ARG A 95 13.34 -4.17 6.10
CA ARG A 95 12.99 -3.94 7.48
C ARG A 95 11.48 -3.76 7.48
N ASP A 96 10.82 -4.23 8.53
CA ASP A 96 9.38 -4.05 8.64
C ASP A 96 9.18 -2.95 9.68
N VAL A 97 8.92 -1.73 9.23
CA VAL A 97 8.74 -0.58 10.12
C VAL A 97 7.58 -0.72 11.10
N THR A 98 6.65 -1.63 10.82
CA THR A 98 5.49 -1.81 11.68
C THR A 98 5.69 -2.89 12.75
N ASP A 99 6.83 -3.60 12.71
CA ASP A 99 7.05 -4.69 13.66
C ASP A 99 8.52 -4.81 14.07
N ASN A 100 8.78 -4.73 15.39
CA ASN A 100 10.15 -4.87 15.90
C ASN A 100 10.61 -6.33 15.86
N ARG A 101 9.66 -7.24 15.58
CA ARG A 101 9.98 -8.66 15.53
C ARG A 101 9.65 -9.33 14.20
N ALA A 102 9.86 -8.60 13.11
CA ALA A 102 9.62 -9.14 11.77
C ALA A 102 10.49 -8.40 10.76
N PHE A 103 10.80 -9.09 9.66
CA PHE A 103 11.61 -8.53 8.58
C PHE A 103 11.51 -9.49 7.41
N GLY A 104 12.03 -9.09 6.25
CA GLY A 104 11.97 -9.97 5.11
C GLY A 104 13.09 -9.69 4.12
N TYR A 105 13.19 -10.53 3.09
CA TYR A 105 14.22 -10.34 2.08
C TYR A 105 13.78 -10.92 0.74
N VAL A 106 14.29 -10.36 -0.35
CA VAL A 106 13.97 -10.84 -1.68
C VAL A 106 15.16 -11.65 -2.16
N CYS A 107 14.90 -12.76 -2.84
CA CYS A 107 15.96 -13.62 -3.35
C CYS A 107 15.54 -14.31 -4.63
N GLY A 108 16.54 -14.81 -5.37
CA GLY A 108 16.28 -15.49 -6.62
C GLY A 108 16.94 -14.76 -7.77
N GLY A 109 16.93 -15.37 -8.95
CA GLY A 109 17.53 -14.73 -10.10
C GLY A 109 16.52 -13.76 -10.71
N GLU A 110 16.87 -13.15 -11.84
CA GLU A 110 15.96 -12.20 -12.47
C GLU A 110 14.76 -12.96 -13.02
N GLY A 111 13.59 -12.33 -12.97
CA GLY A 111 12.39 -12.96 -13.47
C GLY A 111 11.86 -14.03 -12.53
N GLN A 112 12.55 -14.23 -11.41
CA GLN A 112 12.13 -15.23 -10.44
C GLN A 112 12.35 -14.72 -9.01
N HIS A 113 11.81 -13.55 -8.71
CA HIS A 113 11.98 -12.97 -7.39
C HIS A 113 10.91 -13.42 -6.40
N GLN A 114 11.33 -13.73 -5.18
CA GLN A 114 10.43 -14.17 -4.12
C GLN A 114 10.75 -13.45 -2.82
N PHE A 115 9.69 -13.03 -2.11
CA PHE A 115 9.85 -12.34 -0.83
C PHE A 115 9.62 -13.34 0.30
N PHE A 116 10.59 -13.46 1.19
CA PHE A 116 10.47 -14.35 2.34
C PHE A 116 10.21 -13.50 3.58
N ALA A 117 9.07 -13.72 4.24
CA ALA A 117 8.70 -12.96 5.44
C ALA A 117 8.98 -13.77 6.69
N ILE A 118 9.74 -13.19 7.61
CA ILE A 118 10.15 -13.86 8.85
C ILE A 118 9.70 -13.16 10.13
N LYS A 119 9.21 -13.95 11.09
CA LYS A 119 8.79 -13.42 12.39
C LYS A 119 9.82 -13.95 13.39
N THR A 120 10.66 -13.07 13.92
CA THR A 120 11.70 -13.50 14.85
C THR A 120 11.23 -13.71 16.28
N GLY A 121 11.82 -14.69 16.96
CA GLY A 121 11.45 -14.97 18.34
C GLY A 121 11.80 -13.77 19.22
N GLN A 122 12.96 -13.18 18.96
CA GLN A 122 13.43 -12.02 19.68
C GLN A 122 13.35 -10.82 18.74
N GLN A 123 14.18 -9.82 18.98
CA GLN A 123 14.18 -8.64 18.12
C GLN A 123 14.73 -8.98 16.74
N ALA A 124 14.17 -8.36 15.70
CA ALA A 124 14.60 -8.63 14.33
C ALA A 124 15.86 -7.86 13.95
N GLU A 125 16.07 -6.70 14.56
CA GLU A 125 17.22 -5.84 14.24
C GLU A 125 18.58 -6.54 14.21
N PRO A 126 18.94 -7.28 15.28
CA PRO A 126 20.24 -7.96 15.25
C PRO A 126 20.43 -8.90 14.06
N LEU A 127 19.35 -9.52 13.60
CA LEU A 127 19.40 -10.43 12.45
C LEU A 127 19.63 -9.60 11.19
N VAL A 128 18.95 -8.46 11.09
CA VAL A 128 19.07 -7.57 9.94
C VAL A 128 20.49 -6.99 9.86
N VAL A 129 21.07 -6.67 11.01
CA VAL A 129 22.42 -6.14 11.04
C VAL A 129 23.42 -7.22 10.63
N ASP A 130 23.21 -8.46 11.07
CA ASP A 130 24.10 -9.55 10.69
C ASP A 130 24.12 -9.69 9.17
N LEU A 131 22.96 -9.62 8.55
CA LEU A 131 22.87 -9.73 7.09
C LEU A 131 23.64 -8.61 6.42
N LYS A 132 23.51 -7.40 6.96
CA LYS A 132 24.20 -6.24 6.40
C LYS A 132 25.72 -6.44 6.50
N ASP A 133 26.16 -6.90 7.67
CA ASP A 133 27.59 -7.14 7.89
C ASP A 133 28.11 -8.26 7.00
N LEU A 134 27.31 -9.31 6.84
CA LEU A 134 27.71 -10.43 6.00
C LEU A 134 28.03 -9.93 4.59
N PHE A 135 27.09 -9.22 3.99
CA PHE A 135 27.29 -8.67 2.65
C PHE A 135 28.51 -7.75 2.63
N GLN A 136 28.68 -6.99 3.70
CA GLN A 136 29.80 -6.06 3.80
C GLN A 136 31.15 -6.77 3.81
N VAL A 137 31.24 -7.86 4.56
CA VAL A 137 32.49 -8.61 4.64
C VAL A 137 32.82 -9.31 3.31
N ILE A 138 31.82 -9.95 2.71
CA ILE A 138 32.01 -10.65 1.45
C ILE A 138 32.60 -9.65 0.45
N TYR A 139 32.14 -8.41 0.54
CA TYR A 139 32.61 -7.35 -0.34
C TYR A 139 34.04 -6.91 -0.02
N ASN A 140 34.28 -6.57 1.24
CA ASN A 140 35.61 -6.13 1.68
C ASN A 140 36.67 -7.18 1.33
N VAL A 141 36.29 -8.45 1.39
CA VAL A 141 37.21 -9.54 1.08
C VAL A 141 37.46 -9.60 -0.42
N LYS A 142 36.39 -9.56 -1.20
CA LYS A 142 36.52 -9.60 -2.65
C LYS A 142 37.28 -8.41 -3.21
N LYS A 143 37.03 -7.22 -2.67
CA LYS A 143 37.69 -6.02 -3.15
C LYS A 143 39.16 -6.01 -2.76
N LYS A 144 39.49 -6.59 -1.61
CA LYS A 144 40.88 -6.64 -1.18
C LYS A 144 41.62 -7.69 -1.97
N GLU A 145 40.90 -8.75 -2.34
CA GLU A 145 41.53 -9.83 -3.09
C GLU A 145 41.63 -9.40 -4.58
N GLU A 146 40.80 -8.43 -4.99
CA GLU A 146 40.79 -7.96 -6.39
C GLU A 146 41.88 -6.95 -6.59
N ASP A 147 42.17 -6.20 -5.53
CA ASP A 147 43.20 -5.17 -5.54
C ASP A 147 44.55 -5.87 -5.43
N LYS A 148 44.52 -7.20 -5.47
CA LYS A 148 45.74 -8.00 -5.38
C LYS A 148 45.91 -8.83 -6.66
N GLU B 2 24.59 27.28 -7.55
CA GLU B 2 23.37 26.97 -8.29
C GLU B 2 22.92 25.53 -8.07
N LYS B 3 21.77 25.22 -8.66
CA LYS B 3 21.22 23.88 -8.62
C LYS B 3 21.73 23.18 -9.87
N THR B 4 22.91 22.61 -9.75
CA THR B 4 23.55 21.88 -10.85
C THR B 4 22.96 20.49 -10.93
N ASP B 5 22.94 19.89 -12.12
CA ASP B 5 22.39 18.54 -12.27
C ASP B 5 23.04 17.62 -11.24
N GLU B 6 24.28 17.92 -10.89
CA GLU B 6 25.02 17.12 -9.92
C GLU B 6 24.45 17.32 -8.52
N TYR B 7 24.13 18.57 -8.19
CA TYR B 7 23.57 18.90 -6.88
C TYR B 7 22.20 18.26 -6.69
N LEU B 8 21.31 18.45 -7.67
CA LEU B 8 19.98 17.90 -7.62
C LEU B 8 20.00 16.37 -7.53
N LEU B 9 20.88 15.74 -8.28
CA LEU B 9 21.01 14.29 -8.28
C LEU B 9 21.32 13.76 -6.88
N ALA B 10 22.20 14.46 -6.18
CA ALA B 10 22.58 14.07 -4.83
C ALA B 10 21.45 14.30 -3.84
N ARG B 11 20.68 15.36 -4.09
CA ARG B 11 19.55 15.73 -3.23
C ARG B 11 18.43 14.70 -3.28
N PHE B 12 18.05 14.29 -4.49
CA PHE B 12 16.96 13.35 -4.68
C PHE B 12 17.34 11.88 -4.79
N LYS B 13 18.63 11.57 -4.67
CA LYS B 13 19.08 10.18 -4.75
C LYS B 13 18.72 9.44 -3.46
N GLY B 14 18.41 8.15 -3.59
CA GLY B 14 18.08 7.36 -2.42
C GLY B 14 16.77 7.72 -1.75
N ASP B 15 16.85 8.07 -0.47
CA ASP B 15 15.66 8.45 0.30
C ASP B 15 15.26 9.90 0.01
N GLY B 16 16.03 10.58 -0.83
CA GLY B 16 15.72 11.96 -1.17
C GLY B 16 15.44 12.86 0.01
N VAL B 17 14.46 13.76 -0.14
CA VAL B 17 14.08 14.69 0.91
C VAL B 17 12.73 14.34 1.52
N LYS B 18 12.50 14.83 2.73
CA LYS B 18 11.28 14.53 3.47
C LYS B 18 10.64 15.75 4.14
N TYR B 19 9.31 15.88 4.01
CA TYR B 19 8.58 17.01 4.59
C TYR B 19 7.39 16.57 5.42
N LYS B 20 7.19 17.23 6.56
CA LYS B 20 6.07 16.90 7.43
C LYS B 20 4.80 17.58 6.89
N ALA B 21 3.69 16.87 6.85
CA ALA B 21 2.45 17.45 6.34
C ALA B 21 1.19 16.71 6.79
N LYS B 22 0.06 17.06 6.18
CA LYS B 22 -1.21 16.42 6.45
C LYS B 22 -1.90 16.17 5.12
N LEU B 23 -2.60 15.05 4.99
CA LEU B 23 -3.31 14.74 3.75
C LEU B 23 -4.70 15.36 3.82
N ILE B 24 -4.94 16.42 3.05
CA ILE B 24 -6.25 17.08 3.05
C ILE B 24 -7.29 16.15 2.45
N GLY B 25 -6.92 15.45 1.38
CA GLY B 25 -7.84 14.54 0.74
C GLY B 25 -7.45 14.12 -0.66
N ILE B 26 -8.27 13.24 -1.25
CA ILE B 26 -8.04 12.73 -2.60
C ILE B 26 -9.33 12.88 -3.38
N ASP B 27 -9.22 13.29 -4.64
CA ASP B 27 -10.41 13.50 -5.46
C ASP B 27 -10.16 13.07 -6.91
N ASP B 28 -11.10 12.30 -7.47
CA ASP B 28 -10.98 11.86 -8.86
C ASP B 28 -11.28 13.08 -9.73
N VAL B 29 -10.42 13.32 -10.72
CA VAL B 29 -10.63 14.46 -11.62
C VAL B 29 -10.66 13.96 -13.07
N PRO B 30 -11.38 14.69 -13.94
CA PRO B 30 -11.52 14.37 -15.37
C PRO B 30 -10.29 14.50 -16.26
N ASP B 31 -9.39 15.41 -15.95
CA ASP B 31 -8.21 15.60 -16.78
C ASP B 31 -6.87 15.52 -16.05
N ALA B 32 -5.79 15.51 -16.83
CA ALA B 32 -4.44 15.42 -16.31
C ALA B 32 -3.83 16.74 -15.88
N ARG B 33 -4.42 17.85 -16.33
CA ARG B 33 -3.91 19.18 -15.98
C ARG B 33 -5.05 20.19 -15.86
N GLY B 34 -4.75 21.36 -15.29
CA GLY B 34 -5.77 22.39 -15.16
C GLY B 34 -5.74 23.20 -13.87
N ASP B 35 -5.63 24.52 -14.03
CA ASP B 35 -5.62 25.43 -12.88
C ASP B 35 -6.99 25.47 -12.22
N LYS B 36 -8.02 25.66 -13.04
CA LYS B 36 -9.39 25.74 -12.56
C LYS B 36 -9.85 24.40 -11.99
N MET B 37 -9.52 23.33 -12.69
CA MET B 37 -9.88 21.99 -12.26
C MET B 37 -9.24 21.68 -10.92
N SER B 38 -7.97 22.03 -10.77
CA SER B 38 -7.24 21.80 -9.53
C SER B 38 -7.80 22.63 -8.37
N GLN B 39 -8.15 23.87 -8.65
CA GLN B 39 -8.72 24.76 -7.64
C GLN B 39 -10.06 24.21 -7.12
N ASP B 40 -10.94 23.80 -8.04
CA ASP B 40 -12.23 23.25 -7.67
C ASP B 40 -12.07 22.07 -6.71
N SER B 41 -11.15 21.16 -7.02
CA SER B 41 -10.90 20.00 -6.17
C SER B 41 -10.39 20.40 -4.81
N MET B 42 -9.40 21.28 -4.79
CA MET B 42 -8.80 21.76 -3.55
C MET B 42 -9.85 22.43 -2.66
N MET B 43 -10.69 23.28 -3.24
CA MET B 43 -11.74 23.96 -2.47
C MET B 43 -12.77 22.98 -1.91
N LYS B 44 -13.15 21.99 -2.70
CA LYS B 44 -14.11 20.99 -2.24
C LYS B 44 -13.51 20.14 -1.12
N LEU B 45 -12.27 19.69 -1.29
CA LEU B 45 -11.62 18.87 -0.28
C LEU B 45 -11.40 19.64 1.03
N LYS B 46 -11.08 20.93 0.92
CA LYS B 46 -10.90 21.75 2.11
C LYS B 46 -12.26 21.93 2.79
N GLY B 47 -13.33 22.05 1.99
CA GLY B 47 -14.65 22.17 2.57
C GLY B 47 -14.96 20.92 3.37
N MET B 48 -14.67 19.75 2.80
CA MET B 48 -14.92 18.47 3.47
C MET B 48 -14.07 18.30 4.72
N ALA B 49 -12.79 18.67 4.64
CA ALA B 49 -11.92 18.55 5.80
C ALA B 49 -12.41 19.43 6.95
N ALA B 50 -12.99 20.59 6.62
CA ALA B 50 -13.51 21.52 7.63
C ALA B 50 -14.77 20.94 8.28
N ALA B 51 -15.62 20.29 7.49
CA ALA B 51 -16.83 19.69 8.02
C ALA B 51 -16.41 18.64 9.05
N GLY B 52 -15.33 17.92 8.74
CA GLY B 52 -14.84 16.90 9.63
C GLY B 52 -14.26 17.47 10.92
N ARG B 53 -13.48 18.54 10.78
CA ARG B 53 -12.84 19.15 11.93
C ARG B 53 -13.86 19.68 12.95
N SER B 54 -15.02 20.11 12.47
CA SER B 54 -16.05 20.63 13.37
C SER B 54 -16.66 19.49 14.19
N GLN B 55 -16.36 18.25 13.82
CA GLN B 55 -16.85 17.06 14.54
C GLN B 55 -15.68 16.30 15.18
N GLY B 56 -14.57 16.99 15.41
CA GLY B 56 -13.43 16.36 16.04
C GLY B 56 -12.54 15.48 15.19
N GLN B 57 -12.78 15.43 13.88
CA GLN B 57 -11.97 14.61 12.99
C GLN B 57 -10.88 15.45 12.35
N HIS B 58 -9.64 14.99 12.42
CA HIS B 58 -8.51 15.72 11.85
C HIS B 58 -7.88 15.00 10.68
N LYS B 59 -7.18 15.75 9.83
CA LYS B 59 -6.50 15.18 8.67
C LYS B 59 -5.38 14.27 9.13
N GLN B 60 -5.07 13.25 8.34
CA GLN B 60 -4.01 12.30 8.66
C GLN B 60 -2.62 12.93 8.54
N ARG B 61 -1.81 12.80 9.59
CA ARG B 61 -0.46 13.33 9.62
C ARG B 61 0.42 12.42 8.78
N ILE B 62 1.20 13.00 7.88
CA ILE B 62 2.04 12.23 6.98
C ILE B 62 3.41 12.85 6.74
N TRP B 63 4.22 12.12 5.96
CA TRP B 63 5.54 12.59 5.54
C TRP B 63 5.41 12.60 4.02
N VAL B 64 5.87 13.66 3.38
CA VAL B 64 5.84 13.68 1.93
C VAL B 64 7.31 13.48 1.58
N ASN B 65 7.61 12.34 0.98
CA ASN B 65 8.98 12.01 0.61
C ASN B 65 9.16 12.22 -0.88
N ILE B 66 10.16 13.02 -1.24
CA ILE B 66 10.45 13.33 -2.63
C ILE B 66 11.83 12.82 -3.01
N SER B 67 11.91 12.03 -4.08
CA SER B 67 13.18 11.48 -4.54
C SER B 67 13.07 11.08 -6.02
N LEU B 68 14.10 10.42 -6.53
CA LEU B 68 14.11 9.98 -7.92
C LEU B 68 13.00 8.95 -8.17
N SER B 69 12.53 8.33 -7.09
CA SER B 69 11.46 7.34 -7.18
C SER B 69 10.11 8.04 -7.37
N GLY B 70 10.10 9.34 -7.14
CA GLY B 70 8.87 10.11 -7.28
C GLY B 70 8.41 10.54 -5.90
N ILE B 71 7.10 10.46 -5.65
CA ILE B 71 6.55 10.85 -4.35
C ILE B 71 5.99 9.69 -3.53
N LYS B 72 6.31 9.68 -2.24
CA LYS B 72 5.78 8.67 -1.32
C LYS B 72 5.01 9.39 -0.21
N ILE B 73 3.80 8.92 0.07
CA ILE B 73 2.99 9.50 1.13
C ILE B 73 3.09 8.48 2.25
N ILE B 74 3.68 8.86 3.38
CA ILE B 74 3.89 7.94 4.49
C ILE B 74 3.14 8.35 5.76
N ASP B 75 2.52 7.38 6.43
CA ASP B 75 1.80 7.69 7.68
C ASP B 75 2.87 8.02 8.72
N GLU B 76 2.72 9.15 9.39
CA GLU B 76 3.70 9.56 10.38
C GLU B 76 3.72 8.65 11.62
N LYS B 77 2.57 8.13 12.00
CA LYS B 77 2.47 7.29 13.18
C LYS B 77 3.03 5.87 12.98
N THR B 78 2.65 5.21 11.91
CA THR B 78 3.10 3.84 11.67
C THR B 78 4.31 3.67 10.76
N GLY B 79 4.54 4.61 9.85
CA GLY B 79 5.67 4.46 8.95
C GLY B 79 5.26 3.67 7.71
N VAL B 80 3.98 3.35 7.62
CA VAL B 80 3.43 2.61 6.47
C VAL B 80 3.40 3.49 5.23
N ILE B 81 3.83 2.96 4.09
CA ILE B 81 3.79 3.73 2.86
C ILE B 81 2.36 3.64 2.34
N GLU B 82 1.63 4.75 2.43
CA GLU B 82 0.24 4.83 2.02
C GLU B 82 0.06 4.91 0.50
N HIS B 83 0.90 5.71 -0.16
CA HIS B 83 0.83 5.87 -1.60
C HIS B 83 2.23 6.08 -2.15
N GLU B 84 2.45 5.62 -3.39
CA GLU B 84 3.74 5.82 -4.06
C GLU B 84 3.41 6.20 -5.49
N HIS B 85 3.84 7.39 -5.90
CA HIS B 85 3.56 7.88 -7.23
C HIS B 85 4.84 8.12 -8.02
N PRO B 86 5.11 7.27 -9.03
CA PRO B 86 6.30 7.38 -9.89
C PRO B 86 6.29 8.74 -10.60
N VAL B 87 7.47 9.32 -10.81
CA VAL B 87 7.57 10.60 -11.48
C VAL B 87 6.85 10.64 -12.83
N ASN B 88 6.91 9.56 -13.58
CA ASN B 88 6.27 9.52 -14.89
C ASN B 88 4.75 9.37 -14.82
N LYS B 89 4.21 9.33 -13.61
CA LYS B 89 2.76 9.22 -13.42
C LYS B 89 2.16 10.50 -12.85
N ILE B 90 3.02 11.47 -12.53
CA ILE B 90 2.56 12.75 -12.00
C ILE B 90 2.46 13.73 -13.17
N SER B 91 1.24 14.13 -13.49
CA SER B 91 0.99 15.02 -14.63
C SER B 91 0.84 16.51 -14.38
N PHE B 92 0.61 16.91 -13.14
CA PHE B 92 0.42 18.34 -12.89
C PHE B 92 0.69 18.71 -11.44
N ILE B 93 1.42 19.80 -11.24
CA ILE B 93 1.74 20.28 -9.90
C ILE B 93 0.91 21.55 -9.75
N ALA B 94 0.02 21.57 -8.76
CA ALA B 94 -0.85 22.72 -8.55
C ALA B 94 -0.57 23.52 -7.30
N ARG B 95 -0.20 24.78 -7.52
CA ARG B 95 0.06 25.71 -6.44
C ARG B 95 -1.32 26.15 -5.97
N ASP B 96 -1.48 26.38 -4.68
CA ASP B 96 -2.77 26.85 -4.16
C ASP B 96 -2.55 28.33 -3.85
N VAL B 97 -3.02 29.20 -4.74
CA VAL B 97 -2.87 30.66 -4.58
C VAL B 97 -3.53 31.23 -3.33
N THR B 98 -4.45 30.48 -2.73
CA THR B 98 -5.14 30.95 -1.53
C THR B 98 -4.48 30.53 -0.23
N ASP B 99 -3.44 29.71 -0.30
CA ASP B 99 -2.80 29.19 0.92
C ASP B 99 -1.29 29.00 0.76
N ASN B 100 -0.51 29.66 1.61
CA ASN B 100 0.94 29.52 1.55
C ASN B 100 1.42 28.21 2.14
N ARG B 101 0.49 27.46 2.72
CA ARG B 101 0.82 26.18 3.33
C ARG B 101 0.00 25.02 2.78
N ALA B 102 -0.28 25.07 1.48
CA ALA B 102 -1.04 24.01 0.81
C ALA B 102 -0.68 23.97 -0.67
N PHE B 103 -0.82 22.79 -1.27
CA PHE B 103 -0.55 22.61 -2.70
C PHE B 103 -1.08 21.23 -3.05
N GLY B 104 -1.12 20.90 -4.34
CA GLY B 104 -1.60 19.60 -4.76
C GLY B 104 -1.00 19.16 -6.06
N TYR B 105 -1.29 17.93 -6.47
CA TYR B 105 -0.79 17.41 -7.73
C TYR B 105 -1.73 16.33 -8.28
N VAL B 106 -1.73 16.19 -9.61
CA VAL B 106 -2.56 15.19 -10.27
C VAL B 106 -1.63 14.04 -10.66
N CYS B 107 -2.10 12.81 -10.50
CA CYS B 107 -1.30 11.64 -10.84
C CYS B 107 -2.18 10.50 -11.32
N GLY B 108 -1.56 9.53 -11.98
CA GLY B 108 -2.29 8.39 -12.50
C GLY B 108 -2.19 8.33 -14.02
N GLY B 109 -2.64 7.24 -14.60
CA GLY B 109 -2.61 7.11 -16.05
C GLY B 109 -3.81 7.82 -16.64
N GLU B 110 -3.98 7.74 -17.96
CA GLU B 110 -5.11 8.39 -18.60
C GLU B 110 -6.40 7.69 -18.18
N GLY B 111 -7.47 8.47 -18.04
CA GLY B 111 -8.74 7.90 -17.65
C GLY B 111 -8.80 7.54 -16.17
N GLN B 112 -7.70 7.78 -15.46
CA GLN B 112 -7.63 7.49 -14.03
C GLN B 112 -6.85 8.60 -13.31
N HIS B 113 -7.29 9.84 -13.47
CA HIS B 113 -6.62 10.95 -12.82
C HIS B 113 -7.17 11.25 -11.43
N GLN B 114 -6.26 11.50 -10.48
CA GLN B 114 -6.63 11.81 -9.11
C GLN B 114 -5.84 13.01 -8.60
N PHE B 115 -6.52 13.90 -7.88
CA PHE B 115 -5.88 15.08 -7.31
C PHE B 115 -5.60 14.81 -5.84
N PHE B 116 -4.34 14.98 -5.44
CA PHE B 116 -3.94 14.80 -4.05
C PHE B 116 -3.70 16.19 -3.44
N ALA B 117 -4.46 16.52 -2.39
CA ALA B 117 -4.32 17.83 -1.74
C ALA B 117 -3.52 17.70 -0.44
N ILE B 118 -2.46 18.50 -0.33
CA ILE B 118 -1.55 18.46 0.81
C ILE B 118 -1.48 19.77 1.61
N LYS B 119 -1.49 19.65 2.94
CA LYS B 119 -1.37 20.81 3.84
C LYS B 119 0.00 20.65 4.50
N THR B 120 0.95 21.51 4.13
CA THR B 120 2.30 21.41 4.68
C THR B 120 2.44 22.01 6.09
N GLY B 121 3.32 21.41 6.89
CA GLY B 121 3.55 21.90 8.24
C GLY B 121 4.19 23.28 8.17
N GLN B 122 5.10 23.45 7.21
CA GLN B 122 5.77 24.73 7.01
C GLN B 122 5.27 25.29 5.68
N GLN B 123 6.09 26.10 5.01
CA GLN B 123 5.69 26.68 3.74
C GLN B 123 5.62 25.61 2.67
N ALA B 124 4.66 25.74 1.76
CA ALA B 124 4.50 24.78 0.68
C ALA B 124 5.48 25.00 -0.48
N GLU B 125 5.86 26.26 -0.70
CA GLU B 125 6.76 26.62 -1.80
C GLU B 125 8.02 25.75 -1.96
N PRO B 126 8.80 25.55 -0.87
CA PRO B 126 9.99 24.72 -1.04
C PRO B 126 9.71 23.30 -1.53
N LEU B 127 8.55 22.77 -1.20
CA LEU B 127 8.17 21.43 -1.65
C LEU B 127 7.81 21.48 -3.14
N VAL B 128 7.13 22.55 -3.53
CA VAL B 128 6.73 22.71 -4.93
C VAL B 128 7.96 22.91 -5.81
N VAL B 129 8.95 23.64 -5.30
CA VAL B 129 10.18 23.87 -6.04
C VAL B 129 10.95 22.56 -6.18
N ASP B 130 10.98 21.76 -5.12
CA ASP B 130 11.69 20.47 -5.17
C ASP B 130 11.10 19.62 -6.29
N LEU B 131 9.77 19.58 -6.37
CA LEU B 131 9.10 18.79 -7.41
C LEU B 131 9.46 19.29 -8.79
N LYS B 132 9.54 20.61 -8.96
CA LYS B 132 9.89 21.19 -10.25
C LYS B 132 11.32 20.79 -10.61
N ASP B 133 12.23 20.90 -9.64
CA ASP B 133 13.63 20.54 -9.88
C ASP B 133 13.78 19.06 -10.16
N LEU B 134 13.02 18.22 -9.46
CA LEU B 134 13.09 16.79 -9.67
C LEU B 134 12.79 16.48 -11.14
N PHE B 135 11.65 16.94 -11.63
CA PHE B 135 11.27 16.72 -13.01
C PHE B 135 12.34 17.28 -13.95
N GLN B 136 12.89 18.43 -13.60
CA GLN B 136 13.91 19.06 -14.41
C GLN B 136 15.18 18.21 -14.53
N VAL B 137 15.63 17.63 -13.43
CA VAL B 137 16.83 16.82 -13.44
C VAL B 137 16.61 15.51 -14.20
N ILE B 138 15.48 14.85 -13.96
CA ILE B 138 15.17 13.60 -14.64
C ILE B 138 15.24 13.85 -16.14
N TYR B 139 14.82 15.04 -16.55
CA TYR B 139 14.84 15.43 -17.96
C TYR B 139 16.26 15.70 -18.46
N ASN B 140 16.98 16.57 -17.77
CA ASN B 140 18.35 16.90 -18.15
C ASN B 140 19.22 15.65 -18.26
N VAL B 141 18.94 14.66 -17.42
CA VAL B 141 19.70 13.41 -17.44
C VAL B 141 19.32 12.57 -18.65
N LYS B 142 18.02 12.44 -18.88
CA LYS B 142 17.54 11.66 -20.02
C LYS B 142 17.97 12.28 -21.36
N LYS B 143 17.90 13.60 -21.46
CA LYS B 143 18.27 14.28 -22.70
C LYS B 143 19.76 14.21 -22.97
N LYS B 144 20.56 14.22 -21.90
CA LYS B 144 22.02 14.14 -22.06
C LYS B 144 22.41 12.71 -22.41
N GLU B 145 21.65 11.77 -21.89
CA GLU B 145 21.92 10.35 -22.09
C GLU B 145 21.38 9.96 -23.48
N GLU B 146 20.45 10.75 -24.03
CA GLU B 146 19.85 10.47 -25.35
C GLU B 146 20.72 11.00 -26.45
N ASP B 147 21.38 12.12 -26.13
CA ASP B 147 22.27 12.83 -27.04
C ASP B 147 23.59 12.09 -27.08
N LYS B 148 23.63 10.93 -26.43
CA LYS B 148 24.84 10.12 -26.38
C LYS B 148 24.78 8.91 -27.30
N LYS B 149 24.23 9.10 -28.49
CA LYS B 149 24.12 8.01 -29.47
C LYS B 149 25.50 7.69 -30.03
N GLU C 2 -41.42 -13.62 0.00
CA GLU C 2 -40.84 -13.92 -1.30
C GLU C 2 -40.24 -12.67 -1.93
N LYS C 3 -39.24 -12.86 -2.83
CA LYS C 3 -38.66 -11.68 -3.50
C LYS C 3 -39.19 -11.60 -4.93
N THR C 4 -40.07 -10.62 -5.06
CA THR C 4 -40.73 -10.32 -6.32
C THR C 4 -40.09 -8.99 -6.77
N ASP C 5 -40.03 -8.74 -8.07
CA ASP C 5 -39.47 -7.50 -8.58
C ASP C 5 -40.11 -6.30 -7.89
N GLU C 6 -41.39 -6.46 -7.55
CA GLU C 6 -42.12 -5.41 -6.86
C GLU C 6 -41.60 -5.16 -5.46
N TYR C 7 -41.29 -6.23 -4.75
CA TYR C 7 -40.77 -6.16 -3.40
C TYR C 7 -39.37 -5.50 -3.39
N LEU C 8 -38.48 -6.01 -4.25
CA LEU C 8 -37.12 -5.46 -4.35
C LEU C 8 -37.13 -3.98 -4.73
N LEU C 9 -38.02 -3.61 -5.65
CA LEU C 9 -38.11 -2.22 -6.09
C LEU C 9 -38.45 -1.29 -4.93
N ALA C 10 -39.34 -1.73 -4.05
CA ALA C 10 -39.74 -0.94 -2.90
C ALA C 10 -38.62 -0.87 -1.87
N ARG C 11 -37.86 -1.95 -1.77
CA ARG C 11 -36.76 -2.04 -0.83
C ARG C 11 -35.62 -1.08 -1.17
N PHE C 12 -35.21 -1.08 -2.43
CA PHE C 12 -34.10 -0.25 -2.88
C PHE C 12 -34.47 1.12 -3.45
N LYS C 13 -35.75 1.46 -3.43
CA LYS C 13 -36.19 2.75 -3.94
C LYS C 13 -35.85 3.86 -2.94
N GLY C 14 -35.52 5.03 -3.45
CA GLY C 14 -35.20 6.16 -2.58
C GLY C 14 -33.91 5.99 -1.80
N ASP C 15 -34.00 6.05 -0.48
CA ASP C 15 -32.83 5.91 0.39
C ASP C 15 -32.44 4.44 0.57
N GLY C 16 -33.21 3.55 -0.05
CA GLY C 16 -32.91 2.12 0.05
C GLY C 16 -32.65 1.63 1.46
N VAL C 17 -31.68 0.72 1.59
CA VAL C 17 -31.32 0.14 2.88
C VAL C 17 -29.98 0.68 3.39
N LYS C 18 -29.75 0.55 4.69
CA LYS C 18 -28.54 1.08 5.30
C LYS C 18 -27.91 0.11 6.31
N TYR C 19 -26.60 -0.05 6.27
CA TYR C 19 -25.90 -0.96 7.18
C TYR C 19 -24.72 -0.29 7.84
N LYS C 20 -24.56 -0.54 9.14
CA LYS C 20 -23.44 0.01 9.89
C LYS C 20 -22.18 -0.83 9.61
N ALA C 21 -21.04 -0.18 9.39
CA ALA C 21 -19.79 -0.89 9.09
C ALA C 21 -18.54 -0.03 9.28
N LYS C 22 -17.41 -0.56 8.84
CA LYS C 22 -16.13 0.13 8.91
C LYS C 22 -15.42 -0.05 7.59
N LEU C 23 -14.70 0.97 7.16
CA LEU C 23 -13.96 0.87 5.89
C LEU C 23 -12.58 0.29 6.19
N ILE C 24 -12.34 -0.95 5.75
CA ILE C 24 -11.04 -1.57 5.99
C ILE C 24 -9.98 -0.88 5.15
N GLY C 25 -10.33 -0.54 3.92
CA GLY C 25 -9.38 0.12 3.03
C GLY C 25 -9.76 0.09 1.57
N ILE C 26 -8.94 0.76 0.75
CA ILE C 26 -9.16 0.84 -0.68
C ILE C 26 -7.84 0.45 -1.37
N ASP C 27 -7.94 -0.32 -2.45
CA ASP C 27 -6.74 -0.78 -3.16
C ASP C 27 -6.96 -0.81 -4.67
N ASP C 28 -6.00 -0.27 -5.42
CA ASP C 28 -6.09 -0.28 -6.87
C ASP C 28 -5.80 -1.71 -7.32
N VAL C 29 -6.63 -2.23 -8.21
CA VAL C 29 -6.44 -3.59 -8.72
C VAL C 29 -6.39 -3.56 -10.24
N PRO C 30 -5.67 -4.51 -10.83
CA PRO C 30 -5.50 -4.65 -12.28
C PRO C 30 -6.72 -5.03 -13.12
N ASP C 31 -7.64 -5.79 -12.55
CA ASP C 31 -8.81 -6.22 -13.31
C ASP C 31 -10.15 -5.91 -12.66
N ALA C 32 -11.21 -6.14 -13.43
CA ALA C 32 -12.58 -5.88 -12.99
C ALA C 32 -13.20 -7.02 -12.17
N ARG C 33 -12.61 -8.21 -12.26
CA ARG C 33 -13.12 -9.37 -11.53
C ARG C 33 -12.01 -10.31 -11.08
N GLY C 34 -12.33 -11.23 -10.19
CA GLY C 34 -11.33 -12.18 -9.73
C GLY C 34 -11.40 -12.56 -8.27
N ASP C 35 -11.49 -13.87 -8.01
CA ASP C 35 -11.53 -14.39 -6.66
C ASP C 35 -10.18 -14.23 -5.99
N LYS C 36 -9.14 -14.67 -6.69
CA LYS C 36 -7.76 -14.60 -6.20
C LYS C 36 -7.31 -13.15 -6.05
N MET C 37 -7.61 -12.33 -7.05
CA MET C 37 -7.24 -10.92 -7.03
C MET C 37 -7.91 -10.23 -5.84
N SER C 38 -9.19 -10.52 -5.62
CA SER C 38 -9.91 -9.90 -4.53
C SER C 38 -9.38 -10.35 -3.18
N GLN C 39 -9.03 -11.62 -3.06
CA GLN C 39 -8.50 -12.16 -1.81
C GLN C 39 -7.15 -11.49 -1.47
N ASP C 40 -6.28 -11.36 -2.46
CA ASP C 40 -4.97 -10.74 -2.25
C ASP C 40 -5.13 -9.32 -1.70
N SER C 41 -6.05 -8.54 -2.28
CA SER C 41 -6.31 -7.17 -1.84
C SER C 41 -6.84 -7.14 -0.41
N MET C 42 -7.83 -7.98 -0.14
CA MET C 42 -8.43 -8.08 1.17
C MET C 42 -7.39 -8.44 2.24
N MET C 43 -6.54 -9.41 1.94
CA MET C 43 -5.52 -9.84 2.90
C MET C 43 -4.49 -8.74 3.17
N LYS C 44 -4.09 -8.04 2.12
CA LYS C 44 -3.13 -6.95 2.27
C LYS C 44 -3.74 -5.79 3.07
N LEU C 45 -4.98 -5.43 2.74
CA LEU C 45 -5.66 -4.33 3.45
C LEU C 45 -5.89 -4.68 4.91
N LYS C 46 -6.20 -5.93 5.21
CA LYS C 46 -6.41 -6.34 6.60
C LYS C 46 -5.06 -6.31 7.31
N GLY C 47 -3.99 -6.66 6.59
CA GLY C 47 -2.68 -6.61 7.20
C GLY C 47 -2.35 -5.18 7.61
N MET C 48 -2.64 -4.24 6.72
CA MET C 48 -2.38 -2.82 6.97
C MET C 48 -3.24 -2.27 8.10
N ALA C 49 -4.53 -2.62 8.10
CA ALA C 49 -5.41 -2.16 9.15
C ALA C 49 -4.94 -2.67 10.52
N ALA C 50 -4.37 -3.87 10.55
CA ALA C 50 -3.87 -4.45 11.80
C ALA C 50 -2.62 -3.73 12.29
N ALA C 51 -1.75 -3.35 11.35
CA ALA C 51 -0.54 -2.62 11.71
C ALA C 51 -0.98 -1.31 12.35
N GLY C 52 -2.03 -0.71 11.82
CA GLY C 52 -2.52 0.55 12.36
C GLY C 52 -3.15 0.38 13.74
N ARG C 53 -3.93 -0.67 13.92
CA ARG C 53 -4.59 -0.91 15.19
C ARG C 53 -3.60 -1.12 16.33
N SER C 54 -2.43 -1.68 16.02
CA SER C 54 -1.42 -1.90 17.06
C SER C 54 -0.81 -0.57 17.50
N GLN C 55 -1.10 0.50 16.77
CA GLN C 55 -0.60 1.84 17.10
C GLN C 55 -1.75 2.78 17.46
N GLY C 56 -2.87 2.20 17.87
CA GLY C 56 -4.02 3.00 18.26
C GLY C 56 -4.91 3.58 17.17
N GLN C 57 -4.66 3.22 15.92
CA GLN C 57 -5.47 3.74 14.82
C GLN C 57 -6.56 2.73 14.47
N HIS C 58 -7.79 3.20 14.39
CA HIS C 58 -8.93 2.35 14.06
C HIS C 58 -9.49 2.70 12.67
N LYS C 59 -10.21 1.74 12.07
CA LYS C 59 -10.85 1.94 10.78
C LYS C 59 -11.97 2.96 10.93
N GLN C 60 -12.25 3.68 9.86
CA GLN C 60 -13.30 4.69 9.85
C GLN C 60 -14.70 4.07 9.90
N ARG C 61 -15.52 4.53 10.84
CA ARG C 61 -16.87 4.03 10.99
C ARG C 61 -17.73 4.65 9.88
N ILE C 62 -18.51 3.81 9.21
CA ILE C 62 -19.33 4.26 8.10
C ILE C 62 -20.71 3.62 8.04
N TRP C 63 -21.50 4.07 7.07
CA TRP C 63 -22.81 3.52 6.78
C TRP C 63 -22.67 3.06 5.35
N VAL C 64 -23.14 1.86 5.05
CA VAL C 64 -23.09 1.38 3.67
C VAL C 64 -24.55 1.47 3.26
N ASN C 65 -24.84 2.39 2.34
CA ASN C 65 -26.19 2.61 1.85
C ASN C 65 -26.37 1.94 0.50
N ILE C 66 -27.36 1.07 0.41
CA ILE C 66 -27.64 0.35 -0.83
C ILE C 66 -29.01 0.73 -1.38
N SER C 67 -29.05 1.15 -2.64
CA SER C 67 -30.31 1.55 -3.27
C SER C 67 -30.17 1.48 -4.79
N LEU C 68 -31.20 1.95 -5.50
CA LEU C 68 -31.18 1.95 -6.95
C LEU C 68 -30.07 2.85 -7.48
N SER C 69 -29.60 3.76 -6.64
CA SER C 69 -28.52 4.67 -7.01
C SER C 69 -27.18 3.93 -6.98
N GLY C 70 -27.18 2.75 -6.36
CA GLY C 70 -25.96 1.98 -6.23
C GLY C 70 -25.51 1.98 -4.78
N ILE C 71 -24.21 2.15 -4.54
CA ILE C 71 -23.68 2.18 -3.17
C ILE C 71 -23.12 3.54 -2.73
N LYS C 72 -23.45 3.93 -1.50
CA LYS C 72 -22.93 5.16 -0.93
C LYS C 72 -22.18 4.83 0.36
N ILE C 73 -20.97 5.35 0.49
CA ILE C 73 -20.18 5.12 1.69
C ILE C 73 -20.30 6.44 2.45
N ILE C 74 -20.89 6.41 3.62
CA ILE C 74 -21.10 7.62 4.39
C ILE C 74 -20.39 7.62 5.75
N ASP C 75 -19.75 8.73 6.09
CA ASP C 75 -19.06 8.83 7.37
C ASP C 75 -20.14 8.83 8.44
N GLU C 76 -20.00 7.97 9.45
CA GLU C 76 -21.00 7.91 10.50
C GLU C 76 -21.02 9.15 11.39
N LYS C 77 -19.85 9.73 11.62
CA LYS C 77 -19.75 10.90 12.48
C LYS C 77 -20.28 12.19 11.86
N THR C 78 -19.89 12.48 10.64
CA THR C 78 -20.30 13.71 9.96
C THR C 78 -21.50 13.61 9.03
N GLY C 79 -21.76 12.45 8.47
CA GLY C 79 -22.88 12.31 7.56
C GLY C 79 -22.46 12.67 6.14
N VAL C 80 -21.16 12.94 5.97
CA VAL C 80 -20.62 13.29 4.66
C VAL C 80 -20.58 12.08 3.74
N ILE C 81 -21.00 12.23 2.49
CA ILE C 81 -20.97 11.11 1.56
C ILE C 81 -19.53 11.04 1.04
N GLU C 82 -18.81 10.01 1.50
CA GLU C 82 -17.40 9.81 1.15
C GLU C 82 -17.22 9.28 -0.27
N HIS C 83 -18.05 8.32 -0.65
CA HIS C 83 -17.96 7.72 -1.99
C HIS C 83 -19.35 7.35 -2.48
N GLU C 84 -19.53 7.41 -3.79
CA GLU C 84 -20.81 7.04 -4.39
C GLU C 84 -20.48 6.24 -5.64
N HIS C 85 -20.91 4.99 -5.66
CA HIS C 85 -20.62 4.10 -6.77
C HIS C 85 -21.90 3.63 -7.47
N PRO C 86 -22.14 4.13 -8.70
CA PRO C 86 -23.32 3.78 -9.50
C PRO C 86 -23.33 2.28 -9.76
N VAL C 87 -24.50 1.67 -9.79
CA VAL C 87 -24.60 0.24 -10.05
C VAL C 87 -23.87 -0.23 -11.31
N ASN C 88 -23.91 0.59 -12.35
CA ASN C 88 -23.24 0.22 -13.60
C ASN C 88 -21.72 0.37 -13.55
N LYS C 89 -21.19 0.78 -12.41
CA LYS C 89 -19.76 0.94 -12.24
C LYS C 89 -19.18 -0.13 -11.31
N ILE C 90 -20.05 -0.94 -10.71
CA ILE C 90 -19.62 -2.00 -9.80
C ILE C 90 -19.50 -3.28 -10.62
N SER C 91 -18.27 -3.77 -10.79
CA SER C 91 -18.03 -4.96 -11.59
C SER C 91 -17.89 -6.31 -10.90
N PHE C 92 -17.68 -6.32 -9.59
CA PHE C 92 -17.50 -7.61 -8.91
C PHE C 92 -17.80 -7.51 -7.43
N ILE C 93 -18.55 -8.48 -6.92
CA ILE C 93 -18.88 -8.53 -5.49
C ILE C 93 -18.06 -9.70 -4.95
N ALA C 94 -17.19 -9.43 -3.98
CA ALA C 94 -16.33 -10.46 -3.42
C ALA C 94 -16.64 -10.85 -1.99
N ARG C 95 -17.01 -12.12 -1.82
CA ARG C 95 -17.28 -12.67 -0.51
C ARG C 95 -15.91 -12.96 0.09
N ASP C 96 -15.79 -12.79 1.41
CA ASP C 96 -14.53 -13.08 2.07
C ASP C 96 -14.76 -14.39 2.81
N VAL C 97 -14.26 -15.49 2.24
CA VAL C 97 -14.44 -16.81 2.83
C VAL C 97 -13.81 -16.98 4.21
N THR C 98 -12.89 -16.10 4.56
CA THR C 98 -12.22 -16.19 5.85
C THR C 98 -12.90 -15.37 6.95
N ASP C 99 -13.93 -14.60 6.61
CA ASP C 99 -14.58 -13.74 7.60
C ASP C 99 -16.09 -13.61 7.37
N ASN C 100 -16.89 -13.95 8.38
CA ASN C 100 -18.35 -13.86 8.28
C ASN C 100 -18.79 -12.40 8.41
N ARG C 101 -17.87 -11.51 8.77
CA ARG C 101 -18.20 -10.10 8.92
C ARG C 101 -17.36 -9.19 8.03
N ALA C 102 -17.06 -9.64 6.83
CA ALA C 102 -16.28 -8.84 5.89
C ALA C 102 -16.61 -9.25 4.45
N PHE C 103 -16.44 -8.32 3.53
CA PHE C 103 -16.69 -8.57 2.11
C PHE C 103 -16.14 -7.37 1.35
N GLY C 104 -16.10 -7.46 0.03
CA GLY C 104 -15.59 -6.35 -0.76
C GLY C 104 -16.18 -6.32 -2.15
N TYR C 105 -15.87 -5.27 -2.90
CA TYR C 105 -16.35 -5.16 -4.27
C TYR C 105 -15.41 -4.31 -5.11
N VAL C 106 -15.40 -4.57 -6.41
CA VAL C 106 -14.55 -3.83 -7.33
C VAL C 106 -15.45 -2.85 -8.06
N CYS C 107 -14.96 -1.63 -8.29
CA CYS C 107 -15.75 -0.62 -8.99
C CYS C 107 -14.86 0.32 -9.77
N GLY C 108 -15.47 1.03 -10.71
CA GLY C 108 -14.73 1.97 -11.54
C GLY C 108 -14.79 1.57 -13.00
N GLY C 109 -14.31 2.43 -13.89
CA GLY C 109 -14.32 2.10 -15.30
C GLY C 109 -13.11 1.24 -15.63
N GLU C 110 -12.94 0.92 -16.91
CA GLU C 110 -11.79 0.10 -17.30
C GLU C 110 -10.51 0.89 -17.10
N GLY C 111 -9.45 0.18 -16.70
CA GLY C 111 -8.17 0.83 -16.49
C GLY C 111 -8.13 1.62 -15.19
N GLN C 112 -9.23 1.60 -14.45
CA GLN C 112 -9.33 2.32 -13.18
C GLN C 112 -10.12 1.51 -12.16
N HIS C 113 -9.69 0.28 -11.92
CA HIS C 113 -10.39 -0.58 -10.97
C HIS C 113 -9.86 -0.44 -9.56
N GLN C 114 -10.77 -0.40 -8.59
CA GLN C 114 -10.44 -0.28 -7.18
C GLN C 114 -11.26 -1.26 -6.35
N PHE C 115 -10.60 -1.88 -5.38
CA PHE C 115 -11.26 -2.84 -4.50
C PHE C 115 -11.56 -2.13 -3.18
N PHE C 116 -12.83 -2.16 -2.77
CA PHE C 116 -13.24 -1.57 -1.50
C PHE C 116 -13.51 -2.69 -0.50
N ALA C 117 -12.77 -2.71 0.60
CA ALA C 117 -12.92 -3.74 1.63
C ALA C 117 -13.73 -3.22 2.80
N ILE C 118 -14.80 -3.93 3.13
CA ILE C 118 -15.72 -3.55 4.20
C ILE C 118 -15.85 -4.53 5.36
N LYS C 119 -15.83 -4.02 6.60
CA LYS C 119 -15.99 -4.86 7.78
C LYS C 119 -17.36 -4.49 8.35
N THR C 120 -18.31 -5.42 8.25
CA THR C 120 -19.66 -5.14 8.73
C THR C 120 -19.85 -5.30 10.24
N GLY C 121 -20.71 -4.47 10.81
CA GLY C 121 -20.97 -4.54 12.24
C GLY C 121 -21.62 -5.86 12.57
N GLN C 122 -22.52 -6.30 11.70
CA GLN C 122 -23.21 -7.57 11.88
C GLN C 122 -22.69 -8.53 10.81
N GLN C 123 -23.51 -9.50 10.40
CA GLN C 123 -23.09 -10.45 9.40
C GLN C 123 -23.01 -9.78 8.03
N ALA C 124 -22.03 -10.18 7.22
CA ALA C 124 -21.86 -9.59 5.90
C ALA C 124 -22.80 -10.16 4.84
N GLU C 125 -23.21 -11.41 5.03
CA GLU C 125 -24.07 -12.09 4.07
C GLU C 125 -25.32 -11.30 3.64
N PRO C 126 -26.13 -10.81 4.59
CA PRO C 126 -27.31 -10.05 4.16
C PRO C 126 -27.02 -8.86 3.26
N LEU C 127 -25.85 -8.24 3.44
CA LEU C 127 -25.47 -7.09 2.64
C LEU C 127 -25.08 -7.59 1.24
N VAL C 128 -24.40 -8.73 1.18
CA VAL C 128 -23.98 -9.32 -0.08
C VAL C 128 -25.20 -9.76 -0.88
N VAL C 129 -26.20 -10.30 -0.20
CA VAL C 129 -27.41 -10.74 -0.87
C VAL C 129 -28.18 -9.52 -1.41
N ASP C 130 -28.22 -8.45 -0.64
CA ASP C 130 -28.91 -7.24 -1.10
C ASP C 130 -28.30 -6.76 -2.40
N LEU C 131 -26.97 -6.77 -2.47
CA LEU C 131 -26.28 -6.32 -3.67
C LEU C 131 -26.63 -7.21 -4.86
N LYS C 132 -26.71 -8.52 -4.62
CA LYS C 132 -27.04 -9.47 -5.67
C LYS C 132 -28.47 -9.19 -6.16
N ASP C 133 -29.39 -8.99 -5.23
CA ASP C 133 -30.78 -8.72 -5.59
C ASP C 133 -30.92 -7.38 -6.32
N LEU C 134 -30.16 -6.38 -5.88
CA LEU C 134 -30.21 -5.07 -6.52
C LEU C 134 -29.90 -5.23 -8.00
N PHE C 135 -28.75 -5.84 -8.30
CA PHE C 135 -28.34 -6.05 -9.69
C PHE C 135 -29.41 -6.85 -10.44
N GLN C 136 -29.99 -7.83 -9.75
CA GLN C 136 -31.00 -8.68 -10.35
C GLN C 136 -32.25 -7.90 -10.75
N VAL C 137 -32.71 -7.01 -9.88
CA VAL C 137 -33.89 -6.21 -10.18
C VAL C 137 -33.64 -5.21 -11.29
N ILE C 138 -32.51 -4.52 -11.24
CA ILE C 138 -32.17 -3.54 -12.27
C ILE C 138 -32.24 -4.24 -13.63
N TYR C 139 -31.83 -5.50 -13.64
CA TYR C 139 -31.82 -6.30 -14.86
C TYR C 139 -33.24 -6.70 -15.29
N ASN C 140 -33.99 -7.32 -14.37
CA ASN C 140 -35.35 -7.74 -14.66
C ASN C 140 -36.21 -6.57 -15.16
N VAL C 141 -35.93 -5.38 -14.65
CA VAL C 141 -36.68 -4.20 -15.05
C VAL C 141 -36.27 -3.77 -16.46
N LYS C 142 -34.96 -3.72 -16.71
CA LYS C 142 -34.46 -3.33 -18.03
C LYS C 142 -34.87 -4.29 -19.12
N LYS C 143 -34.82 -5.59 -18.81
CA LYS C 143 -35.19 -6.62 -19.77
C LYS C 143 -36.68 -6.62 -20.10
N LYS C 144 -37.51 -6.29 -19.11
CA LYS C 144 -38.96 -6.21 -19.30
C LYS C 144 -39.36 -4.97 -20.05
N GLU C 145 -38.63 -3.89 -19.80
CA GLU C 145 -38.89 -2.63 -20.44
C GLU C 145 -38.36 -2.71 -21.84
N GLU C 146 -37.44 -3.64 -22.05
CA GLU C 146 -36.95 -3.78 -23.38
C GLU C 146 -37.25 -4.97 -24.29
N ASP C 147 -38.22 -5.78 -23.88
CA ASP C 147 -38.62 -6.85 -24.77
C ASP C 147 -39.81 -6.38 -25.63
#